data_6QOQ
#
_entry.id   6QOQ
#
_cell.length_a   74.048
_cell.length_b   78.489
_cell.length_c   86.472
_cell.angle_alpha   90.000
_cell.angle_beta   90.000
_cell.angle_gamma   90.000
#
_symmetry.space_group_name_H-M   'P 21 21 21'
#
loop_
_entity.id
_entity.type
_entity.pdbx_description
1 polymer 'tRNA (guanine-N(1)-)-methyltransferase'
2 non-polymer 1,3-benzothiazol-6-amine
3 water water
#
_entity_poly.entity_id   1
_entity_poly.type   'polypeptide(L)'
_entity_poly.pdbx_seq_one_letter_code
;GSMKIDVVTIFPEYLQPVRQSLPGKAIDAGLVDVAVHDLRRWTHDVHKSVDDSPYGGGPGMVMKPTVWGDALDEICTSET
LLVVPTPAGYPFTQETAWQWSTEDHLVIACGRYEGIDQRVADDAATRMRVREVSIGDYVLNGGEAAALVIIEAVLRLVPG
VLGNALSAQEDSHSEGMASLLEGPSYTRPPSWRGMDVPPVLLSGDHAKIAAWRAEQSRQRTIERRPDLLGFDSPTGEHGG
DGLS
;
_entity_poly.pdbx_strand_id   A,B
#
# COMPACT_ATOMS: atom_id res chain seq x y z
N SER A 2 3.80 -3.15 24.49
CA SER A 2 2.93 -2.21 23.82
C SER A 2 3.60 -1.55 22.62
N MET A 3 2.81 -1.16 21.63
CA MET A 3 3.30 -0.24 20.60
C MET A 3 2.38 0.96 20.48
N LYS A 4 2.97 2.15 20.47
CA LYS A 4 2.24 3.37 20.18
C LYS A 4 2.60 3.80 18.76
N ILE A 5 1.59 4.16 17.96
CA ILE A 5 1.82 4.70 16.62
C ILE A 5 1.15 6.07 16.55
N ASP A 6 1.93 7.10 16.24
CA ASP A 6 1.37 8.42 15.98
C ASP A 6 1.50 8.70 14.48
N VAL A 7 0.42 9.14 13.86
CA VAL A 7 0.45 9.48 12.45
C VAL A 7 0.16 10.96 12.31
N VAL A 8 1.00 11.67 11.54
CA VAL A 8 0.79 13.10 11.29
C VAL A 8 0.49 13.31 9.82
N THR A 9 -0.60 14.02 9.54
CA THR A 9 -1.11 14.11 8.19
C THR A 9 -2.01 15.33 8.06
N ILE A 10 -2.14 15.87 6.85
CA ILE A 10 -3.16 16.91 6.65
C ILE A 10 -4.52 16.32 6.30
N PHE A 11 -4.59 15.00 6.24
CA PHE A 11 -5.86 14.30 6.02
C PHE A 11 -6.13 13.29 7.12
N PRO A 12 -6.41 13.77 8.35
CA PRO A 12 -6.53 12.81 9.45
C PRO A 12 -7.69 11.82 9.28
N GLU A 13 -8.73 12.21 8.57
CA GLU A 13 -9.85 11.30 8.35
C GLU A 13 -9.45 10.05 7.57
N TYR A 14 -8.36 10.14 6.80
CA TYR A 14 -7.87 9.00 6.01
C TYR A 14 -7.53 7.80 6.89
N LEU A 15 -7.13 8.08 8.13
CA LEU A 15 -6.59 7.07 9.02
C LEU A 15 -7.63 6.54 10.01
N GLN A 16 -8.83 7.10 9.97
CA GLN A 16 -9.85 6.75 10.96
C GLN A 16 -10.33 5.30 10.88
N PRO A 17 -10.55 4.76 9.66
CA PRO A 17 -10.96 3.34 9.63
C PRO A 17 -9.93 2.36 10.21
N VAL A 18 -8.63 2.59 10.02
CA VAL A 18 -7.65 1.69 10.62
C VAL A 18 -7.68 1.78 12.16
N ARG A 19 -7.99 2.97 12.69
CA ARG A 19 -8.13 3.12 14.14
C ARG A 19 -9.26 2.25 14.66
N GLN A 20 -10.39 2.27 13.96
CA GLN A 20 -11.57 1.52 14.38
C GLN A 20 -11.39 0.02 14.21
N SER A 21 -10.54 -0.38 13.26
CA SER A 21 -10.29 -1.79 12.98
C SER A 21 -9.50 -2.48 14.08
N LEU A 22 -8.98 -1.71 15.03
CA LEU A 22 -8.25 -2.27 16.16
C LEU A 22 -9.21 -2.97 17.10
N PRO A 23 -8.97 -4.26 17.37
CA PRO A 23 -9.75 -5.01 18.36
C PRO A 23 -9.71 -4.37 19.75
N GLY A 24 -10.87 -4.28 20.38
CA GLY A 24 -10.96 -3.68 21.70
C GLY A 24 -10.11 -4.39 22.72
N LYS A 25 -10.03 -5.72 22.61
CA LYS A 25 -9.26 -6.53 23.54
C LYS A 25 -7.79 -6.14 23.56
N ALA A 26 -7.26 -5.76 22.40
CA ALA A 26 -5.87 -5.33 22.31
C ALA A 26 -5.67 -3.93 22.90
N ILE A 27 -6.65 -3.06 22.71
CA ILE A 27 -6.59 -1.71 23.26
C ILE A 27 -6.75 -1.73 24.78
N ASP A 28 -7.74 -2.48 25.25
CA ASP A 28 -7.98 -2.62 26.68
C ASP A 28 -6.78 -3.24 27.38
N ALA A 29 -6.07 -4.12 26.68
CA ALA A 29 -4.89 -4.78 27.22
C ALA A 29 -3.64 -3.90 27.11
N GLY A 30 -3.79 -2.73 26.50
CA GLY A 30 -2.69 -1.80 26.34
C GLY A 30 -1.60 -2.29 25.39
N LEU A 31 -1.98 -3.15 24.45
CA LEU A 31 -1.02 -3.70 23.49
C LEU A 31 -0.73 -2.71 22.37
N VAL A 32 -1.69 -1.83 22.09
CA VAL A 32 -1.59 -0.93 20.96
C VAL A 32 -2.41 0.34 21.15
N ASP A 33 -1.90 1.44 20.60
CA ASP A 33 -2.61 2.69 20.54
C ASP A 33 -2.19 3.36 19.23
N VAL A 34 -3.14 3.71 18.39
CA VAL A 34 -2.86 4.46 17.16
C VAL A 34 -3.54 5.81 17.27
N ALA A 35 -2.74 6.88 17.17
CA ALA A 35 -3.30 8.24 17.28
C ALA A 35 -2.99 8.98 16.00
N VAL A 36 -3.95 9.77 15.55
CA VAL A 36 -3.77 10.54 14.32
C VAL A 36 -3.80 12.02 14.64
N HIS A 37 -2.91 12.78 14.02
CA HIS A 37 -2.77 14.19 14.30
C HIS A 37 -2.85 15.01 13.03
N ASP A 38 -3.67 16.04 13.05
CA ASP A 38 -3.73 17.00 11.95
C ASP A 38 -2.49 17.90 11.96
N LEU A 39 -1.68 17.84 10.90
CA LEU A 39 -0.49 18.68 10.79
C LEU A 39 -0.81 20.17 10.97
N ARG A 40 -2.01 20.62 10.59
CA ARG A 40 -2.30 22.04 10.65
C ARG A 40 -2.37 22.57 12.09
N ARG A 41 -2.40 21.67 13.07
CA ARG A 41 -2.30 22.07 14.48
C ARG A 41 -1.00 22.84 14.76
N TRP A 42 0.02 22.56 13.97
CA TRP A 42 1.32 23.20 14.19
C TRP A 42 1.65 24.28 13.15
N THR A 43 0.67 24.73 12.40
CA THR A 43 0.93 25.87 11.51
C THR A 43 1.05 27.19 12.28
N HIS A 44 1.70 28.18 11.66
CA HIS A 44 1.99 29.46 12.33
C HIS A 44 1.10 30.61 11.93
N ASP A 45 0.40 30.46 10.81
CA ASP A 45 -0.31 31.60 10.23
C ASP A 45 -1.80 31.37 10.13
N VAL A 46 -2.53 32.46 9.92
CA VAL A 46 -3.97 32.36 9.90
C VAL A 46 -4.44 31.56 8.69
N HIS A 47 -3.61 31.44 7.66
CA HIS A 47 -3.98 30.62 6.50
C HIS A 47 -3.62 29.13 6.66
N LYS A 48 -3.02 28.77 7.80
CA LYS A 48 -2.64 27.40 8.10
C LYS A 48 -1.82 26.76 6.98
N SER A 49 -0.77 27.46 6.56
CA SER A 49 0.07 27.02 5.44
C SER A 49 0.95 25.86 5.82
N VAL A 50 0.94 24.80 5.00
CA VAL A 50 1.84 23.68 5.28
C VAL A 50 2.89 23.47 4.18
N ASP A 51 2.77 24.20 3.08
CA ASP A 51 3.75 24.06 2.02
C ASP A 51 4.12 25.39 1.39
N ASP A 52 5.10 25.35 0.50
CA ASP A 52 5.71 26.57 -0.04
C ASP A 52 6.49 26.16 -1.28
N SER A 53 6.88 27.12 -2.10
CA SER A 53 7.50 26.78 -3.39
C SER A 53 8.92 26.25 -3.20
N PRO A 54 9.35 25.33 -4.09
CA PRO A 54 10.66 24.70 -3.93
C PRO A 54 11.81 25.62 -4.31
N TYR A 55 12.85 25.66 -3.47
CA TYR A 55 14.07 26.37 -3.85
C TYR A 55 14.66 25.71 -5.08
N GLY A 56 15.12 26.53 -6.03
CA GLY A 56 15.73 26.00 -7.24
C GLY A 56 14.71 25.88 -8.35
N GLY A 57 13.46 26.22 -8.04
CA GLY A 57 12.41 26.27 -9.03
C GLY A 57 11.84 24.92 -9.34
N GLY A 58 10.94 24.88 -10.32
CA GLY A 58 10.31 23.64 -10.71
C GLY A 58 8.88 23.60 -10.21
N PRO A 59 8.15 22.56 -10.61
CA PRO A 59 6.73 22.42 -10.28
C PRO A 59 6.49 21.86 -8.88
N GLY A 60 5.28 22.04 -8.39
CA GLY A 60 4.88 21.44 -7.13
C GLY A 60 5.18 22.30 -5.92
N MET A 61 4.94 21.74 -4.75
CA MET A 61 5.19 22.44 -3.50
C MET A 61 5.95 21.52 -2.56
N VAL A 62 6.67 22.13 -1.62
CA VAL A 62 7.44 21.38 -0.65
C VAL A 62 6.88 21.70 0.75
N MET A 63 6.73 20.70 1.60
CA MET A 63 6.17 20.98 2.91
C MET A 63 7.19 21.69 3.80
N LYS A 64 6.68 22.61 4.59
CA LYS A 64 7.47 23.57 5.36
C LYS A 64 8.21 22.91 6.51
N PRO A 65 9.51 23.22 6.63
CA PRO A 65 10.26 22.64 7.74
C PRO A 65 9.84 23.19 9.10
N THR A 66 9.44 24.45 9.18
CA THR A 66 9.10 25.02 10.48
C THR A 66 7.86 24.35 11.08
N VAL A 67 6.89 24.01 10.24
CA VAL A 67 5.68 23.33 10.69
C VAL A 67 5.97 21.90 11.12
N TRP A 68 6.65 21.16 10.26
CA TRP A 68 6.97 19.78 10.59
C TRP A 68 7.89 19.66 11.80
N GLY A 69 8.84 20.60 11.92
CA GLY A 69 9.78 20.59 13.02
C GLY A 69 9.06 20.74 14.35
N ASP A 70 8.08 21.62 14.38
CA ASP A 70 7.27 21.81 15.59
C ASP A 70 6.43 20.56 15.92
N ALA A 71 5.82 19.97 14.90
CA ALA A 71 5.01 18.78 15.11
C ALA A 71 5.85 17.64 15.68
N LEU A 72 7.01 17.40 15.05
CA LEU A 72 7.82 16.28 15.51
C LEU A 72 8.44 16.53 16.87
N ASP A 73 8.78 17.79 17.16
CA ASP A 73 9.30 18.16 18.47
C ASP A 73 8.32 17.76 19.57
N GLU A 74 7.03 17.94 19.30
CA GLU A 74 6.02 17.65 20.31
C GLU A 74 5.74 16.17 20.43
N ILE A 75 5.70 15.47 19.30
CA ILE A 75 5.24 14.09 19.23
CA ILE A 75 5.24 14.09 19.28
C ILE A 75 6.36 13.07 19.49
N CYS A 76 7.55 13.36 18.98
CA CYS A 76 8.65 12.40 19.06
C CYS A 76 9.44 12.49 20.37
N THR A 77 10.04 11.37 20.73
CA THR A 77 11.04 11.33 21.80
C THR A 77 12.31 10.64 21.31
N SER A 78 13.28 10.53 22.20
CA SER A 78 14.54 9.85 21.86
C SER A 78 14.31 8.40 21.46
N GLU A 79 13.22 7.80 21.90
CA GLU A 79 12.96 6.40 21.63
C GLU A 79 12.20 6.18 20.31
N THR A 80 11.76 7.26 19.70
CA THR A 80 10.91 7.17 18.51
C THR A 80 11.65 6.64 17.29
N LEU A 81 10.97 5.79 16.53
CA LEU A 81 11.35 5.48 15.16
C LEU A 81 10.46 6.30 14.24
N LEU A 82 11.07 7.30 13.57
CA LEU A 82 10.35 8.18 12.66
C LEU A 82 10.35 7.56 11.27
N VAL A 83 9.14 7.25 10.79
CA VAL A 83 8.95 6.63 9.49
C VAL A 83 8.43 7.68 8.51
N VAL A 84 9.08 7.83 7.36
CA VAL A 84 8.65 8.83 6.39
C VAL A 84 8.39 8.13 5.05
N PRO A 85 7.11 7.85 4.74
CA PRO A 85 6.83 7.20 3.46
C PRO A 85 7.08 8.12 2.28
N THR A 86 7.83 7.63 1.30
CA THR A 86 8.16 8.43 0.13
C THR A 86 8.59 7.50 -1.00
N PRO A 87 8.25 7.86 -2.24
CA PRO A 87 8.66 6.99 -3.36
C PRO A 87 10.18 6.97 -3.55
N ALA A 88 10.89 7.89 -2.89
CA ALA A 88 12.35 7.93 -2.94
C ALA A 88 13.01 7.20 -1.77
N GLY A 89 12.24 6.42 -1.01
CA GLY A 89 12.78 5.77 0.17
C GLY A 89 13.48 4.44 -0.07
N TYR A 90 14.09 3.91 0.99
CA TYR A 90 14.54 2.51 0.99
C TYR A 90 13.30 1.62 0.90
N PRO A 91 13.43 0.43 0.30
CA PRO A 91 12.23 -0.43 0.18
C PRO A 91 11.72 -0.91 1.52
N PHE A 92 10.42 -0.75 1.74
CA PHE A 92 9.74 -1.36 2.87
C PHE A 92 9.37 -2.79 2.51
N THR A 93 9.90 -3.75 3.25
CA THR A 93 9.62 -5.17 2.98
C THR A 93 9.13 -5.88 4.22
N GLN A 94 8.77 -7.15 4.05
CA GLN A 94 8.34 -7.96 5.19
C GLN A 94 9.41 -7.98 6.28
N GLU A 95 10.69 -7.97 5.90
CA GLU A 95 11.76 -7.92 6.89
C GLU A 95 11.69 -6.63 7.70
N THR A 96 11.42 -5.51 7.01
CA THR A 96 11.23 -4.25 7.71
C THR A 96 10.09 -4.34 8.72
N ALA A 97 8.96 -4.90 8.27
CA ALA A 97 7.78 -5.01 9.10
C ALA A 97 8.08 -5.80 10.38
N TRP A 98 8.81 -6.89 10.23
CA TRP A 98 9.21 -7.69 11.39
C TRP A 98 10.09 -6.88 12.33
N GLN A 99 11.06 -6.16 11.78
CA GLN A 99 11.94 -5.35 12.60
C GLN A 99 11.16 -4.31 13.39
N TRP A 100 10.28 -3.61 12.70
CA TRP A 100 9.53 -2.53 13.35
C TRP A 100 8.47 -3.03 14.34
N SER A 101 8.10 -4.30 14.24
CA SER A 101 7.01 -4.83 15.07
C SER A 101 7.36 -4.91 16.55
N THR A 102 8.64 -4.77 16.88
CA THR A 102 9.06 -4.77 18.28
C THR A 102 9.38 -3.36 18.80
N GLU A 103 9.15 -2.34 17.98
CA GLU A 103 9.38 -0.96 18.42
C GLU A 103 8.33 -0.51 19.43
N ASP A 104 8.73 0.38 20.34
CA ASP A 104 7.80 0.93 21.31
C ASP A 104 6.98 2.09 20.76
N HIS A 105 7.57 2.85 19.84
CA HIS A 105 6.95 4.08 19.37
C HIS A 105 7.30 4.35 17.92
N LEU A 106 6.30 4.27 17.05
CA LEU A 106 6.47 4.68 15.66
C LEU A 106 5.76 5.99 15.44
N VAL A 107 6.44 6.92 14.77
CA VAL A 107 5.77 8.12 14.29
C VAL A 107 5.85 8.12 12.78
N ILE A 108 4.71 8.22 12.14
CA ILE A 108 4.67 8.19 10.69
C ILE A 108 4.32 9.57 10.16
N ALA A 109 5.26 10.17 9.48
CA ALA A 109 5.08 11.52 8.92
C ALA A 109 4.61 11.44 7.48
N CYS A 110 3.36 11.78 7.24
CA CYS A 110 2.79 11.70 5.89
C CYS A 110 2.92 13.01 5.14
N GLY A 111 3.75 13.00 4.10
CA GLY A 111 3.90 14.17 3.26
C GLY A 111 3.02 14.11 2.03
N ARG A 112 2.94 15.24 1.34
CA ARG A 112 2.15 15.32 0.13
C ARG A 112 3.06 15.73 -1.01
N TYR A 113 2.83 15.11 -2.16
CA TYR A 113 3.43 15.55 -3.42
C TYR A 113 4.95 15.54 -3.42
N GLU A 114 5.56 16.69 -3.61
CA GLU A 114 7.01 16.72 -3.82
C GLU A 114 7.81 16.49 -2.55
N GLY A 115 7.13 16.34 -1.41
CA GLY A 115 7.80 15.89 -0.21
C GLY A 115 7.97 16.94 0.87
N ILE A 116 8.69 16.56 1.91
CA ILE A 116 8.97 17.41 3.07
C ILE A 116 10.39 17.93 2.93
N ASP A 117 10.59 19.23 3.20
CA ASP A 117 11.93 19.82 3.24
C ASP A 117 12.89 18.83 3.90
N GLN A 118 13.98 18.52 3.22
CA GLN A 118 14.90 17.47 3.68
C GLN A 118 15.53 17.76 5.06
N ARG A 119 15.54 19.03 5.47
CA ARG A 119 16.16 19.35 6.77
C ARG A 119 15.35 18.82 7.94
N VAL A 120 14.08 18.52 7.70
CA VAL A 120 13.26 17.97 8.77
C VAL A 120 13.80 16.59 9.16
N ALA A 121 13.99 15.72 8.17
CA ALA A 121 14.55 14.40 8.43
C ALA A 121 15.98 14.52 8.95
N ASP A 122 16.76 15.42 8.34
CA ASP A 122 18.17 15.57 8.73
C ASP A 122 18.30 15.99 10.20
N ASP A 123 17.48 16.95 10.61
CA ASP A 123 17.48 17.41 12.00
C ASP A 123 17.00 16.30 12.95
N ALA A 124 15.89 15.66 12.58
CA ALA A 124 15.36 14.60 13.43
C ALA A 124 16.37 13.48 13.64
N ALA A 125 17.14 13.16 12.60
CA ALA A 125 18.10 12.07 12.66
C ALA A 125 19.24 12.32 13.64
N THR A 126 19.40 13.57 14.07
CA THR A 126 20.45 13.87 15.05
C THR A 126 20.00 13.51 16.47
N ARG A 127 18.72 13.16 16.67
CA ARG A 127 18.33 12.76 18.01
C ARG A 127 17.38 11.56 18.08
N MET A 128 17.02 10.99 16.94
CA MET A 128 16.23 9.76 16.92
C MET A 128 16.52 8.99 15.62
N ARG A 129 15.99 7.78 15.53
CA ARG A 129 16.16 6.99 14.31
C ARG A 129 15.12 7.40 13.27
N VAL A 130 15.57 7.60 12.03
CA VAL A 130 14.69 8.03 10.95
C VAL A 130 14.79 7.05 9.80
N ARG A 131 13.64 6.66 9.26
CA ARG A 131 13.59 5.73 8.14
C ARG A 131 12.68 6.24 7.02
N GLU A 132 13.28 6.65 5.91
CA GLU A 132 12.48 7.01 4.75
C GLU A 132 12.30 5.76 3.91
N VAL A 133 11.05 5.42 3.64
CA VAL A 133 10.79 4.15 2.97
C VAL A 133 9.73 4.25 1.89
N SER A 134 9.88 3.39 0.89
CA SER A 134 8.90 3.27 -0.19
CA SER A 134 8.89 3.28 -0.18
C SER A 134 8.18 1.92 -0.12
N ILE A 135 6.86 1.93 -0.28
CA ILE A 135 6.11 0.67 -0.22
C ILE A 135 6.00 -0.01 -1.59
N GLY A 136 6.52 0.62 -2.64
CA GLY A 136 6.52 0.00 -3.96
C GLY A 136 6.97 0.97 -5.03
N ASP A 137 7.18 0.45 -6.24
CA ASP A 137 7.68 1.29 -7.33
C ASP A 137 6.56 2.00 -8.08
N TYR A 138 5.88 2.90 -7.38
CA TYR A 138 4.82 3.70 -7.96
C TYR A 138 4.71 4.96 -7.13
N VAL A 139 4.09 5.96 -7.70
CA VAL A 139 3.94 7.24 -7.03
C VAL A 139 2.49 7.45 -6.66
N LEU A 140 2.26 7.85 -5.40
CA LEU A 140 0.92 8.22 -4.97
C LEU A 140 0.91 9.74 -4.83
N ASN A 141 -0.20 10.31 -4.38
CA ASN A 141 -0.19 11.77 -4.22
C ASN A 141 0.35 12.18 -2.86
N GLY A 142 0.30 11.27 -1.91
CA GLY A 142 0.80 11.55 -0.57
C GLY A 142 1.07 10.28 0.20
N GLY A 143 1.58 10.41 1.42
CA GLY A 143 2.01 9.27 2.20
C GLY A 143 0.92 8.50 2.93
N GLU A 144 -0.31 9.00 2.90
CA GLU A 144 -1.38 8.42 3.73
C GLU A 144 -1.67 6.96 3.41
N ALA A 145 -1.86 6.63 2.13
CA ALA A 145 -2.15 5.23 1.80
C ALA A 145 -0.97 4.33 2.16
N ALA A 146 0.24 4.85 2.00
CA ALA A 146 1.43 4.09 2.40
C ALA A 146 1.48 3.86 3.90
N ALA A 147 1.07 4.86 4.68
CA ALA A 147 0.98 4.70 6.12
C ALA A 147 -0.01 3.60 6.51
N LEU A 148 -1.14 3.52 5.81
CA LEU A 148 -2.09 2.43 6.07
C LEU A 148 -1.47 1.06 5.84
N VAL A 149 -0.70 0.95 4.76
CA VAL A 149 -0.08 -0.32 4.43
C VAL A 149 0.96 -0.68 5.49
N ILE A 150 1.77 0.30 5.87
CA ILE A 150 2.79 0.05 6.87
C ILE A 150 2.19 -0.32 8.22
N ILE A 151 1.15 0.40 8.63
CA ILE A 151 0.52 0.14 9.92
C ILE A 151 -0.01 -1.29 9.96
N GLU A 152 -0.69 -1.69 8.89
CA GLU A 152 -1.24 -3.04 8.83
C GLU A 152 -0.15 -4.12 8.77
N ALA A 153 0.87 -3.91 7.94
CA ALA A 153 1.93 -4.93 7.81
C ALA A 153 2.67 -5.12 9.13
N VAL A 154 2.87 -4.03 9.88
CA VAL A 154 3.57 -4.11 11.17
C VAL A 154 2.66 -4.69 12.25
N LEU A 155 1.45 -4.16 12.42
CA LEU A 155 0.64 -4.55 13.58
C LEU A 155 0.15 -5.99 13.51
N ARG A 156 0.06 -6.56 12.31
CA ARG A 156 -0.39 -7.95 12.22
C ARG A 156 0.70 -8.91 12.71
N LEU A 157 1.91 -8.39 12.92
CA LEU A 157 3.03 -9.17 13.47
C LEU A 157 3.19 -8.98 14.98
N VAL A 158 2.44 -8.06 15.57
CA VAL A 158 2.43 -7.89 17.02
C VAL A 158 1.35 -8.80 17.61
N PRO A 159 1.76 -9.74 18.46
CA PRO A 159 0.90 -10.75 19.08
C PRO A 159 -0.44 -10.21 19.59
N GLY A 160 -1.54 -10.70 19.00
CA GLY A 160 -2.87 -10.37 19.48
C GLY A 160 -3.44 -9.01 19.10
N VAL A 161 -2.76 -8.26 18.24
CA VAL A 161 -3.22 -6.92 17.95
C VAL A 161 -4.30 -6.87 16.87
N LEU A 162 -4.03 -7.41 15.68
CA LEU A 162 -5.03 -7.40 14.62
C LEU A 162 -5.84 -8.70 14.60
N SER A 179 12.95 -16.85 -1.65
CA SER A 179 11.77 -17.63 -1.29
C SER A 179 10.86 -17.82 -2.50
N LEU A 180 9.66 -18.34 -2.23
CA LEU A 180 8.73 -18.66 -3.31
C LEU A 180 7.35 -18.10 -3.00
N LEU A 181 6.56 -17.90 -4.06
CA LEU A 181 5.18 -17.46 -3.91
C LEU A 181 4.27 -18.59 -3.48
N GLU A 182 3.21 -18.25 -2.74
CA GLU A 182 2.17 -19.23 -2.41
C GLU A 182 1.41 -19.62 -3.67
N GLY A 183 1.13 -20.90 -3.85
CA GLY A 183 0.33 -21.35 -4.97
C GLY A 183 -1.16 -21.21 -4.76
N PRO A 184 -1.96 -21.76 -5.69
CA PRO A 184 -3.41 -21.60 -5.61
C PRO A 184 -4.06 -22.35 -4.45
N SER A 185 -5.17 -21.83 -3.96
CA SER A 185 -5.93 -22.47 -2.89
CA SER A 185 -5.91 -22.50 -2.90
C SER A 185 -7.33 -22.78 -3.35
N TYR A 186 -7.95 -23.78 -2.73
CA TYR A 186 -9.28 -24.23 -3.11
C TYR A 186 -10.10 -24.60 -1.89
N THR A 187 -11.42 -24.47 -2.01
CA THR A 187 -12.32 -24.95 -0.98
C THR A 187 -13.59 -25.50 -1.63
N ARG A 188 -14.60 -25.85 -0.84
CA ARG A 188 -15.82 -26.42 -1.38
CA ARG A 188 -15.86 -26.40 -1.34
C ARG A 188 -16.57 -25.42 -2.27
N PRO A 189 -17.30 -25.93 -3.28
CA PRO A 189 -17.55 -27.33 -3.65
C PRO A 189 -16.40 -27.93 -4.47
N PRO A 190 -16.30 -29.28 -4.52
CA PRO A 190 -15.22 -29.93 -5.27
C PRO A 190 -15.29 -29.66 -6.76
N SER A 191 -16.49 -29.36 -7.26
CA SER A 191 -16.67 -28.98 -8.66
CA SER A 191 -16.69 -29.01 -8.66
C SER A 191 -17.50 -27.72 -8.76
N TRP A 192 -17.01 -26.74 -9.51
CA TRP A 192 -17.67 -25.45 -9.62
C TRP A 192 -17.48 -24.87 -11.01
N ARG A 193 -18.58 -24.60 -11.69
CA ARG A 193 -18.58 -24.08 -13.06
C ARG A 193 -17.63 -24.82 -13.99
N GLY A 194 -17.66 -26.15 -13.91
CA GLY A 194 -16.89 -26.98 -14.81
C GLY A 194 -15.46 -27.21 -14.39
N MET A 195 -15.06 -26.65 -13.24
CA MET A 195 -13.69 -26.79 -12.78
C MET A 195 -13.60 -27.60 -11.49
N ASP A 196 -12.80 -28.66 -11.51
CA ASP A 196 -12.62 -29.50 -10.32
C ASP A 196 -11.42 -29.07 -9.49
N VAL A 197 -11.53 -29.21 -8.18
CA VAL A 197 -10.37 -29.08 -7.32
C VAL A 197 -9.35 -30.14 -7.74
N PRO A 198 -8.05 -29.79 -7.83
CA PRO A 198 -7.04 -30.80 -8.14
C PRO A 198 -7.17 -32.02 -7.24
N PRO A 199 -7.39 -33.22 -7.84
CA PRO A 199 -7.66 -34.44 -7.11
C PRO A 199 -6.60 -34.79 -6.09
N VAL A 200 -5.35 -34.38 -6.32
CA VAL A 200 -4.29 -34.69 -5.38
C VAL A 200 -4.63 -34.14 -4.00
N LEU A 201 -5.35 -33.02 -3.96
CA LEU A 201 -5.68 -32.38 -2.67
C LEU A 201 -6.68 -33.21 -1.87
N LEU A 202 -7.38 -34.10 -2.56
CA LEU A 202 -8.37 -34.95 -1.90
C LEU A 202 -7.84 -36.38 -1.71
N SER A 203 -6.54 -36.58 -1.94
CA SER A 203 -5.95 -37.91 -1.97
C SER A 203 -5.63 -38.52 -0.60
N GLY A 204 -5.50 -37.69 0.42
CA GLY A 204 -5.03 -38.18 1.71
C GLY A 204 -3.58 -38.67 1.69
N ASP A 205 -2.82 -38.24 0.68
CA ASP A 205 -1.39 -38.56 0.62
C ASP A 205 -0.68 -37.26 0.90
N HIS A 206 -0.36 -37.00 2.16
CA HIS A 206 0.01 -35.65 2.50
C HIS A 206 1.43 -35.28 2.11
N ALA A 207 2.30 -36.28 1.95
CA ALA A 207 3.64 -36.01 1.41
C ALA A 207 3.54 -35.61 -0.06
N LYS A 208 2.65 -36.28 -0.78
CA LYS A 208 2.45 -35.94 -2.20
C LYS A 208 1.82 -34.55 -2.36
N ILE A 209 0.85 -34.24 -1.51
CA ILE A 209 0.24 -32.93 -1.53
C ILE A 209 1.28 -31.83 -1.33
N ALA A 210 2.17 -32.05 -0.35
CA ALA A 210 3.23 -31.09 -0.09
C ALA A 210 4.11 -30.91 -1.31
N ALA A 211 4.46 -32.01 -1.98
CA ALA A 211 5.30 -31.91 -3.17
C ALA A 211 4.55 -31.19 -4.31
N TRP A 212 3.27 -31.46 -4.45
CA TRP A 212 2.46 -30.81 -5.49
C TRP A 212 2.41 -29.31 -5.24
N ARG A 213 2.18 -28.93 -3.99
CA ARG A 213 2.14 -27.52 -3.65
C ARG A 213 3.47 -26.83 -3.90
N ALA A 214 4.57 -27.52 -3.60
CA ALA A 214 5.91 -26.98 -3.87
C ALA A 214 6.11 -26.72 -5.36
N GLU A 215 5.67 -27.64 -6.21
CA GLU A 215 5.82 -27.46 -7.65
C GLU A 215 4.93 -26.33 -8.16
N GLN A 216 3.71 -26.21 -7.60
CA GLN A 216 2.84 -25.09 -7.99
C GLN A 216 3.47 -23.76 -7.62
N SER A 217 4.08 -23.72 -6.44
CA SER A 217 4.80 -22.54 -5.97
CA SER A 217 4.79 -22.52 -5.99
C SER A 217 5.96 -22.18 -6.91
N ARG A 218 6.72 -23.21 -7.30
CA ARG A 218 7.83 -23.01 -8.24
C ARG A 218 7.35 -22.42 -9.56
N GLN A 219 6.32 -23.02 -10.14
CA GLN A 219 5.83 -22.56 -11.43
C GLN A 219 5.29 -21.14 -11.35
N ARG A 220 4.57 -20.82 -10.27
CA ARG A 220 3.97 -19.50 -10.12
C ARG A 220 5.06 -18.45 -9.95
N THR A 221 6.10 -18.80 -9.21
CA THR A 221 7.20 -17.87 -8.98
C THR A 221 7.96 -17.60 -10.29
N ILE A 222 8.24 -18.67 -11.05
CA ILE A 222 8.87 -18.53 -12.37
C ILE A 222 8.07 -17.58 -13.26
N GLU A 223 6.75 -17.77 -13.30
CA GLU A 223 5.88 -16.99 -14.17
C GLU A 223 5.72 -15.54 -13.71
N ARG A 224 5.54 -15.35 -12.41
CA ARG A 224 5.13 -14.02 -11.94
C ARG A 224 6.26 -13.20 -11.35
N ARG A 225 7.24 -13.87 -10.75
CA ARG A 225 8.30 -13.19 -10.03
C ARG A 225 9.65 -13.85 -10.25
N PRO A 226 10.12 -13.87 -11.50
CA PRO A 226 11.41 -14.55 -11.78
C PRO A 226 12.58 -13.91 -11.04
N ASP A 227 12.41 -12.65 -10.61
CA ASP A 227 13.41 -11.95 -9.81
C ASP A 227 13.72 -12.69 -8.51
N LEU A 228 12.75 -13.44 -8.00
CA LEU A 228 12.92 -14.13 -6.72
C LEU A 228 13.79 -15.39 -6.83
N LEU A 229 14.14 -15.78 -8.04
CA LEU A 229 14.93 -16.99 -8.24
C LEU A 229 16.38 -16.70 -8.63
N SER B 2 -12.84 8.93 -18.56
CA SER B 2 -13.95 8.59 -17.68
C SER B 2 -13.85 7.13 -17.25
N MET B 3 -13.73 6.91 -15.94
CA MET B 3 -13.49 5.57 -15.40
C MET B 3 -14.48 5.20 -14.32
N LYS B 4 -14.88 3.93 -14.31
CA LYS B 4 -15.66 3.36 -13.22
C LYS B 4 -14.79 2.38 -12.45
N ILE B 5 -14.74 2.52 -11.13
CA ILE B 5 -14.05 1.56 -10.28
C ILE B 5 -15.04 0.96 -9.28
N ASP B 6 -15.17 -0.37 -9.30
CA ASP B 6 -15.97 -1.10 -8.31
C ASP B 6 -15.02 -1.88 -7.40
N VAL B 7 -15.23 -1.78 -6.08
CA VAL B 7 -14.43 -2.54 -5.14
C VAL B 7 -15.34 -3.50 -4.39
N VAL B 8 -14.96 -4.76 -4.32
CA VAL B 8 -15.75 -5.75 -3.59
C VAL B 8 -14.96 -6.26 -2.39
N THR B 9 -15.58 -6.21 -1.20
CA THR B 9 -14.88 -6.44 0.06
C THR B 9 -15.88 -6.85 1.14
N ILE B 10 -15.40 -7.57 2.17
CA ILE B 10 -16.27 -7.80 3.32
C ILE B 10 -16.11 -6.69 4.36
N PHE B 11 -15.25 -5.72 4.09
CA PHE B 11 -15.12 -4.53 4.94
C PHE B 11 -15.27 -3.23 4.16
N PRO B 12 -16.48 -2.95 3.66
CA PRO B 12 -16.71 -1.72 2.87
C PRO B 12 -16.30 -0.44 3.63
N GLU B 13 -16.47 -0.42 4.93
CA GLU B 13 -16.11 0.74 5.76
C GLU B 13 -14.64 1.12 5.63
N TYR B 14 -13.80 0.12 5.41
CA TYR B 14 -12.36 0.33 5.30
C TYR B 14 -11.98 1.10 4.03
N LEU B 15 -12.89 1.19 3.06
CA LEU B 15 -12.59 1.83 1.79
C LEU B 15 -13.01 3.29 1.77
N GLN B 16 -13.62 3.75 2.85
CA GLN B 16 -14.05 5.14 2.94
C GLN B 16 -12.92 6.19 2.80
N PRO B 17 -11.65 5.84 3.15
CA PRO B 17 -10.58 6.81 2.85
C PRO B 17 -10.48 7.23 1.39
N VAL B 18 -11.13 6.49 0.50
CA VAL B 18 -11.11 6.80 -0.92
C VAL B 18 -11.79 8.14 -1.20
N ARG B 19 -12.52 8.65 -0.21
CA ARG B 19 -13.20 9.94 -0.34
C ARG B 19 -12.31 11.12 0.06
N GLN B 20 -11.08 10.82 0.48
CA GLN B 20 -10.13 11.86 0.89
C GLN B 20 -9.21 12.27 -0.25
N SER B 21 -8.54 13.40 -0.07
CA SER B 21 -7.46 13.87 -0.95
C SER B 21 -7.82 13.86 -2.43
N LEU B 22 -6.88 13.43 -3.26
CA LEU B 22 -7.06 13.46 -4.71
C LEU B 22 -8.11 12.46 -5.24
N PRO B 23 -8.15 11.21 -4.71
CA PRO B 23 -9.25 10.36 -5.15
C PRO B 23 -10.62 10.94 -4.84
N GLY B 24 -10.75 11.60 -3.70
CA GLY B 24 -11.98 12.30 -3.35
C GLY B 24 -12.25 13.40 -4.35
N LYS B 25 -11.21 14.16 -4.67
CA LYS B 25 -11.31 15.25 -5.64
C LYS B 25 -11.55 14.71 -7.04
N ALA B 26 -10.98 13.54 -7.34
CA ALA B 26 -11.18 12.89 -8.63
C ALA B 26 -12.66 12.56 -8.87
N ILE B 27 -13.34 12.11 -7.81
CA ILE B 27 -14.76 11.79 -7.89
C ILE B 27 -15.62 13.05 -7.84
N ASP B 28 -15.16 14.04 -7.08
CA ASP B 28 -15.87 15.32 -6.95
C ASP B 28 -15.98 16.03 -8.30
N ALA B 29 -14.94 15.89 -9.13
CA ALA B 29 -14.92 16.49 -10.45
C ALA B 29 -15.62 15.61 -11.48
N GLY B 30 -16.02 14.41 -11.06
CA GLY B 30 -16.77 13.51 -11.92
C GLY B 30 -15.94 12.83 -12.99
N LEU B 31 -14.62 12.80 -12.81
CA LEU B 31 -13.75 12.12 -13.75
C LEU B 31 -13.83 10.61 -13.55
N VAL B 32 -14.04 10.21 -12.30
CA VAL B 32 -14.12 8.80 -11.95
C VAL B 32 -15.30 8.57 -11.00
N ASP B 33 -15.85 7.37 -11.04
CA ASP B 33 -16.88 6.96 -10.10
C ASP B 33 -16.38 5.71 -9.37
N VAL B 34 -16.27 5.79 -8.04
CA VAL B 34 -15.83 4.64 -7.25
C VAL B 34 -17.00 4.13 -6.43
N ALA B 35 -17.33 2.85 -6.58
CA ALA B 35 -18.40 2.26 -5.79
C ALA B 35 -17.86 1.08 -4.99
N VAL B 36 -18.28 0.97 -3.73
CA VAL B 36 -17.80 -0.11 -2.86
C VAL B 36 -18.95 -1.05 -2.55
N HIS B 37 -18.71 -2.35 -2.69
CA HIS B 37 -19.77 -3.36 -2.53
C HIS B 37 -19.41 -4.36 -1.46
N ASP B 38 -20.37 -4.60 -0.56
CA ASP B 38 -20.23 -5.60 0.48
C ASP B 38 -20.41 -6.99 -0.13
N LEU B 39 -19.36 -7.81 -0.12
CA LEU B 39 -19.44 -9.17 -0.68
C LEU B 39 -20.60 -9.98 -0.08
N ARG B 40 -20.94 -9.73 1.18
CA ARG B 40 -21.97 -10.52 1.86
C ARG B 40 -23.35 -10.35 1.24
N ARG B 41 -23.51 -9.29 0.45
CA ARG B 41 -24.71 -9.08 -0.34
C ARG B 41 -25.07 -10.28 -1.22
N TRP B 42 -24.06 -11.06 -1.61
CA TRP B 42 -24.29 -12.19 -2.51
C TRP B 42 -24.27 -13.53 -1.79
N THR B 43 -24.54 -13.52 -0.50
CA THR B 43 -24.63 -14.78 0.25
C THR B 43 -26.10 -15.14 0.38
N HIS B 44 -26.39 -16.42 0.59
CA HIS B 44 -27.78 -16.86 0.64
C HIS B 44 -28.13 -17.56 1.95
N ASP B 45 -27.11 -18.01 2.68
CA ASP B 45 -27.32 -18.54 4.03
C ASP B 45 -27.49 -17.36 4.99
N VAL B 46 -28.02 -17.62 6.18
CA VAL B 46 -28.32 -16.55 7.13
C VAL B 46 -27.10 -16.21 7.98
N HIS B 47 -26.10 -17.09 7.97
CA HIS B 47 -24.83 -16.81 8.63
C HIS B 47 -23.94 -15.98 7.71
N LYS B 48 -24.38 -15.84 6.46
CA LYS B 48 -23.67 -15.07 5.44
C LYS B 48 -22.20 -15.49 5.35
N SER B 49 -21.97 -16.80 5.25
CA SER B 49 -20.62 -17.35 5.26
C SER B 49 -19.89 -17.08 3.94
N VAL B 50 -18.66 -16.57 4.03
CA VAL B 50 -17.94 -16.27 2.80
C VAL B 50 -16.70 -17.13 2.64
N ASP B 51 -16.37 -17.95 3.64
CA ASP B 51 -15.17 -18.78 3.57
C ASP B 51 -15.33 -20.19 4.14
N ASP B 52 -14.33 -21.03 3.92
CA ASP B 52 -14.41 -22.44 4.27
C ASP B 52 -12.96 -22.93 4.39
N SER B 53 -12.74 -24.08 5.04
CA SER B 53 -11.39 -24.61 5.20
CA SER B 53 -11.41 -24.62 5.20
C SER B 53 -10.82 -25.05 3.84
N PRO B 54 -9.49 -24.97 3.69
CA PRO B 54 -8.89 -25.35 2.40
C PRO B 54 -8.87 -26.84 2.13
N TYR B 55 -9.11 -27.20 0.87
CA TYR B 55 -8.81 -28.55 0.45
C TYR B 55 -7.31 -28.82 0.53
N GLY B 56 -6.96 -30.01 0.99
CA GLY B 56 -5.57 -30.43 1.01
C GLY B 56 -4.88 -30.06 2.29
N GLY B 57 -5.57 -29.31 3.14
CA GLY B 57 -5.03 -28.94 4.43
C GLY B 57 -4.35 -27.59 4.46
N GLY B 58 -3.96 -27.20 5.67
CA GLY B 58 -3.27 -25.94 5.87
C GLY B 58 -4.03 -25.07 6.83
N PRO B 59 -3.36 -24.06 7.37
CA PRO B 59 -3.99 -23.12 8.29
C PRO B 59 -4.96 -22.19 7.57
N GLY B 60 -5.91 -21.65 8.31
CA GLY B 60 -6.73 -20.58 7.78
C GLY B 60 -7.93 -21.01 6.97
N MET B 61 -8.47 -20.05 6.23
CA MET B 61 -9.72 -20.21 5.51
C MET B 61 -9.57 -19.62 4.12
N VAL B 62 -10.28 -20.21 3.16
CA VAL B 62 -10.25 -19.76 1.76
C VAL B 62 -11.63 -19.21 1.42
N MET B 63 -11.68 -18.07 0.73
CA MET B 63 -13.00 -17.54 0.39
C MET B 63 -13.66 -18.40 -0.71
N LYS B 64 -14.95 -18.67 -0.50
CA LYS B 64 -15.73 -19.58 -1.34
C LYS B 64 -15.90 -19.04 -2.76
N PRO B 65 -15.80 -19.93 -3.77
CA PRO B 65 -15.96 -19.42 -5.14
C PRO B 65 -17.41 -19.04 -5.47
N THR B 66 -18.38 -19.70 -4.85
CA THR B 66 -19.79 -19.45 -5.19
C THR B 66 -20.21 -18.01 -4.95
N VAL B 67 -19.87 -17.47 -3.77
CA VAL B 67 -20.24 -16.11 -3.43
C VAL B 67 -19.55 -15.11 -4.35
N TRP B 68 -18.27 -15.34 -4.61
CA TRP B 68 -17.50 -14.45 -5.48
C TRP B 68 -17.99 -14.50 -6.91
N GLY B 69 -18.27 -15.71 -7.40
CA GLY B 69 -18.81 -15.88 -8.74
C GLY B 69 -20.08 -15.09 -8.95
N ASP B 70 -20.99 -15.16 -7.99
CA ASP B 70 -22.24 -14.41 -8.11
C ASP B 70 -21.99 -12.91 -8.10
N ALA B 71 -21.08 -12.46 -7.22
CA ALA B 71 -20.78 -11.04 -7.14
C ALA B 71 -20.24 -10.52 -8.47
N LEU B 72 -19.27 -11.24 -9.03
CA LEU B 72 -18.59 -10.79 -10.24
C LEU B 72 -19.49 -10.93 -11.46
N ASP B 73 -20.39 -11.91 -11.45
CA ASP B 73 -21.42 -12.03 -12.49
C ASP B 73 -22.20 -10.74 -12.63
N GLU B 74 -22.54 -10.13 -11.49
CA GLU B 74 -23.42 -8.97 -11.48
C GLU B 74 -22.67 -7.68 -11.84
N ILE B 75 -21.44 -7.58 -11.35
CA ILE B 75 -20.66 -6.35 -11.45
C ILE B 75 -19.82 -6.25 -12.73
N CYS B 76 -19.31 -7.38 -13.22
CA CYS B 76 -18.37 -7.37 -14.34
C CYS B 76 -19.03 -7.53 -15.71
N THR B 77 -18.38 -6.96 -16.73
CA THR B 77 -18.73 -7.25 -18.13
C THR B 77 -17.49 -7.76 -18.84
N SER B 78 -17.62 -8.08 -20.13
CA SER B 78 -16.46 -8.56 -20.88
C SER B 78 -15.40 -7.48 -21.09
N GLU B 79 -15.78 -6.22 -20.89
CA GLU B 79 -14.82 -5.11 -20.99
C GLU B 79 -14.07 -4.85 -19.68
N THR B 80 -14.52 -5.48 -18.58
CA THR B 80 -13.94 -5.22 -17.26
C THR B 80 -12.50 -5.70 -17.16
N LEU B 81 -11.66 -4.91 -16.48
CA LEU B 81 -10.38 -5.40 -16.00
C LEU B 81 -10.53 -5.79 -14.55
N LEU B 82 -10.50 -7.09 -14.28
CA LEU B 82 -10.60 -7.60 -12.92
C LEU B 82 -9.23 -7.63 -12.25
N VAL B 83 -9.11 -6.89 -11.14
CA VAL B 83 -7.85 -6.74 -10.41
C VAL B 83 -7.97 -7.47 -9.09
N VAL B 84 -7.04 -8.38 -8.83
CA VAL B 84 -7.05 -9.13 -7.58
C VAL B 84 -5.75 -8.90 -6.81
N PRO B 85 -5.77 -8.05 -5.78
CA PRO B 85 -4.54 -7.82 -5.03
C PRO B 85 -4.18 -9.05 -4.17
N THR B 86 -2.93 -9.48 -4.28
CA THR B 86 -2.45 -10.65 -3.54
C THR B 86 -0.94 -10.60 -3.43
N PRO B 87 -0.36 -11.08 -2.32
CA PRO B 87 1.10 -11.08 -2.25
C PRO B 87 1.74 -12.00 -3.29
N ALA B 88 0.95 -12.87 -3.89
CA ALA B 88 1.45 -13.80 -4.89
C ALA B 88 1.24 -13.29 -6.32
N GLY B 89 0.90 -12.02 -6.48
CA GLY B 89 0.57 -11.52 -7.82
C GLY B 89 1.78 -11.06 -8.63
N TYR B 90 1.55 -10.71 -9.89
CA TYR B 90 2.55 -9.99 -10.68
C TYR B 90 2.78 -8.63 -10.02
N PRO B 91 3.99 -8.06 -10.13
CA PRO B 91 4.19 -6.76 -9.47
C PRO B 91 3.36 -5.63 -10.08
N PHE B 92 2.70 -4.88 -9.20
CA PHE B 92 2.06 -3.62 -9.59
C PHE B 92 3.09 -2.51 -9.53
N THR B 93 3.38 -1.91 -10.69
CA THR B 93 4.38 -0.85 -10.79
C THR B 93 3.80 0.39 -11.44
N GLN B 94 4.64 1.43 -11.55
CA GLN B 94 4.21 2.67 -12.19
C GLN B 94 3.72 2.40 -13.60
N GLU B 95 4.39 1.48 -14.29
CA GLU B 95 3.99 1.11 -15.65
C GLU B 95 2.58 0.52 -15.64
N THR B 96 2.28 -0.31 -14.65
CA THR B 96 0.93 -0.85 -14.51
C THR B 96 -0.09 0.27 -14.30
N ALA B 97 0.27 1.24 -13.46
CA ALA B 97 -0.65 2.35 -13.17
C ALA B 97 -0.94 3.13 -14.46
N TRP B 98 0.08 3.39 -15.25
CA TRP B 98 -0.13 4.06 -16.54
C TRP B 98 -1.06 3.25 -17.42
N GLN B 99 -0.83 1.94 -17.48
CA GLN B 99 -1.62 1.07 -18.33
C GLN B 99 -3.09 1.10 -17.93
N TRP B 100 -3.34 1.06 -16.62
CA TRP B 100 -4.71 0.91 -16.15
C TRP B 100 -5.42 2.27 -16.16
N SER B 101 -4.64 3.34 -16.28
CA SER B 101 -5.20 4.70 -16.24
C SER B 101 -6.12 4.99 -17.43
N THR B 102 -6.04 4.18 -18.48
CA THR B 102 -6.91 4.42 -19.63
C THR B 102 -8.03 3.39 -19.75
N GLU B 103 -8.24 2.61 -18.69
CA GLU B 103 -9.31 1.61 -18.67
C GLU B 103 -10.67 2.24 -18.36
N ASP B 104 -11.73 1.69 -18.94
CA ASP B 104 -13.07 2.19 -18.67
C ASP B 104 -13.63 1.66 -17.36
N HIS B 105 -13.21 0.46 -16.98
CA HIS B 105 -13.82 -0.21 -15.85
C HIS B 105 -12.88 -1.16 -15.13
N LEU B 106 -12.48 -0.77 -13.91
CA LEU B 106 -11.71 -1.66 -13.04
C LEU B 106 -12.61 -2.22 -11.96
N VAL B 107 -12.52 -3.52 -11.73
CA VAL B 107 -13.16 -4.13 -10.58
C VAL B 107 -12.08 -4.74 -9.71
N ILE B 108 -12.04 -4.32 -8.45
CA ILE B 108 -10.99 -4.77 -7.54
C ILE B 108 -11.58 -5.72 -6.51
N ALA B 109 -11.16 -6.98 -6.58
CA ALA B 109 -11.66 -8.01 -5.66
C ALA B 109 -10.73 -8.15 -4.47
N CYS B 110 -11.23 -7.78 -3.29
CA CYS B 110 -10.42 -7.80 -2.08
C CYS B 110 -10.65 -9.10 -1.32
N GLY B 111 -9.62 -9.93 -1.27
CA GLY B 111 -9.67 -11.15 -0.49
C GLY B 111 -9.20 -10.94 0.93
N ARG B 112 -9.43 -11.94 1.76
CA ARG B 112 -8.96 -11.92 3.13
C ARG B 112 -8.07 -13.11 3.39
N TYR B 113 -7.04 -12.88 4.20
CA TYR B 113 -6.14 -13.90 4.69
C TYR B 113 -5.64 -14.84 3.62
N GLU B 114 -6.06 -16.11 3.67
CA GLU B 114 -5.46 -17.10 2.77
C GLU B 114 -5.90 -16.92 1.32
N GLY B 115 -6.89 -16.07 1.08
CA GLY B 115 -7.20 -15.68 -0.27
C GLY B 115 -8.50 -16.26 -0.81
N ILE B 116 -8.66 -16.14 -2.13
CA ILE B 116 -9.87 -16.55 -2.81
C ILE B 116 -9.60 -17.82 -3.59
N ASP B 117 -10.55 -18.76 -3.56
CA ASP B 117 -10.49 -19.98 -4.37
C ASP B 117 -10.03 -19.63 -5.80
N GLN B 118 -8.99 -20.33 -6.26
CA GLN B 118 -8.37 -20.01 -7.56
C GLN B 118 -9.35 -20.07 -8.74
N ARG B 119 -10.41 -20.85 -8.61
CA ARG B 119 -11.34 -21.02 -9.73
C ARG B 119 -12.12 -19.74 -10.04
N VAL B 120 -12.17 -18.82 -9.09
CA VAL B 120 -12.85 -17.55 -9.34
C VAL B 120 -12.13 -16.80 -10.45
N ALA B 121 -10.80 -16.66 -10.28
CA ALA B 121 -9.99 -16.03 -11.32
C ALA B 121 -10.02 -16.82 -12.63
N ASP B 122 -9.95 -18.15 -12.53
CA ASP B 122 -9.97 -19.00 -13.74
C ASP B 122 -11.26 -18.76 -14.52
N ASP B 123 -12.38 -18.82 -13.80
CA ASP B 123 -13.69 -18.63 -14.42
C ASP B 123 -13.84 -17.23 -15.02
N ALA B 124 -13.44 -16.21 -14.27
CA ALA B 124 -13.55 -14.84 -14.76
C ALA B 124 -12.70 -14.67 -16.03
N ALA B 125 -11.56 -15.33 -16.08
CA ALA B 125 -10.66 -15.17 -17.22
C ALA B 125 -11.24 -15.69 -18.54
N THR B 126 -12.29 -16.51 -18.45
CA THR B 126 -12.94 -16.98 -19.68
C THR B 126 -13.85 -15.92 -20.30
N ARG B 127 -14.10 -14.82 -19.59
CA ARG B 127 -14.99 -13.77 -20.14
C ARG B 127 -14.39 -12.37 -20.08
N MET B 128 -13.37 -12.18 -19.26
CA MET B 128 -12.76 -10.85 -19.13
C MET B 128 -11.26 -10.98 -18.86
N ARG B 129 -10.57 -9.85 -18.89
CA ARG B 129 -9.15 -9.82 -18.53
C ARG B 129 -8.99 -9.80 -17.01
N VAL B 130 -8.09 -10.63 -16.49
CA VAL B 130 -7.87 -10.73 -15.04
C VAL B 130 -6.40 -10.47 -14.74
N ARG B 131 -6.12 -9.67 -13.71
CA ARG B 131 -4.75 -9.41 -13.30
C ARG B 131 -4.60 -9.57 -11.81
N GLU B 132 -3.88 -10.60 -11.37
CA GLU B 132 -3.53 -10.73 -9.96
C GLU B 132 -2.22 -9.99 -9.72
N VAL B 133 -2.22 -9.07 -8.78
CA VAL B 133 -1.06 -8.19 -8.62
C VAL B 133 -0.66 -8.01 -7.17
N SER B 134 0.64 -7.84 -6.95
CA SER B 134 1.18 -7.53 -5.63
CA SER B 134 1.16 -7.52 -5.62
C SER B 134 1.68 -6.10 -5.58
N ILE B 135 1.27 -5.35 -4.55
CA ILE B 135 1.73 -3.96 -4.46
C ILE B 135 3.08 -3.84 -3.77
N GLY B 136 3.63 -4.95 -3.29
CA GLY B 136 4.93 -4.90 -2.64
C GLY B 136 5.27 -6.19 -1.92
N ASP B 137 6.50 -6.30 -1.45
CA ASP B 137 6.94 -7.57 -0.85
C ASP B 137 6.70 -7.61 0.66
N TYR B 138 5.42 -7.60 1.03
CA TYR B 138 5.00 -7.67 2.42
C TYR B 138 3.61 -8.26 2.40
N VAL B 139 3.16 -8.70 3.57
CA VAL B 139 1.88 -9.36 3.69
C VAL B 139 0.94 -8.53 4.56
N LEU B 140 -0.28 -8.34 4.07
CA LEU B 140 -1.32 -7.67 4.86
C LEU B 140 -2.34 -8.73 5.32
N ASN B 141 -3.42 -8.32 5.97
CA ASN B 141 -4.46 -9.29 6.34
C ASN B 141 -5.49 -9.44 5.23
N GLY B 142 -5.46 -8.53 4.27
CA GLY B 142 -6.42 -8.58 3.19
C GLY B 142 -6.10 -7.56 2.11
N GLY B 143 -6.90 -7.56 1.05
CA GLY B 143 -6.60 -6.73 -0.10
C GLY B 143 -7.08 -5.29 -0.08
N GLU B 144 -7.78 -4.90 0.99
CA GLU B 144 -8.38 -3.56 1.06
C GLU B 144 -7.38 -2.40 1.00
N ALA B 145 -6.32 -2.46 1.80
CA ALA B 145 -5.33 -1.37 1.76
C ALA B 145 -4.62 -1.33 0.40
N ALA B 146 -4.42 -2.51 -0.20
CA ALA B 146 -3.82 -2.57 -1.52
C ALA B 146 -4.74 -1.94 -2.57
N ALA B 147 -6.05 -2.14 -2.42
CA ALA B 147 -7.02 -1.51 -3.31
C ALA B 147 -6.88 0.00 -3.24
N LEU B 148 -6.72 0.54 -2.03
CA LEU B 148 -6.58 1.98 -1.87
C LEU B 148 -5.31 2.50 -2.56
N VAL B 149 -4.22 1.75 -2.42
CA VAL B 149 -2.97 2.10 -3.10
C VAL B 149 -3.13 2.10 -4.60
N ILE B 150 -3.74 1.04 -5.14
CA ILE B 150 -3.92 0.93 -6.59
C ILE B 150 -4.80 2.06 -7.11
N ILE B 151 -5.91 2.32 -6.43
CA ILE B 151 -6.82 3.40 -6.83
C ILE B 151 -6.09 4.74 -6.86
N GLU B 152 -5.33 5.04 -5.82
CA GLU B 152 -4.63 6.32 -5.81
C GLU B 152 -3.57 6.40 -6.91
N ALA B 153 -2.80 5.32 -7.11
CA ALA B 153 -1.75 5.35 -8.12
C ALA B 153 -2.33 5.49 -9.54
N VAL B 154 -3.49 4.88 -9.76
CA VAL B 154 -4.11 4.94 -11.09
C VAL B 154 -4.82 6.28 -11.31
N LEU B 155 -5.59 6.71 -10.32
CA LEU B 155 -6.44 7.91 -10.53
C LEU B 155 -5.66 9.18 -10.80
N ARG B 156 -4.47 9.30 -10.22
CA ARG B 156 -3.71 10.53 -10.41
C ARG B 156 -3.15 10.63 -11.83
N LEU B 157 -3.28 9.55 -12.60
CA LEU B 157 -2.75 9.52 -13.97
C LEU B 157 -3.85 9.70 -15.02
N VAL B 158 -5.11 9.63 -14.61
CA VAL B 158 -6.22 9.71 -15.55
C VAL B 158 -6.26 11.09 -16.18
N PRO B 159 -6.40 11.16 -17.51
CA PRO B 159 -6.42 12.46 -18.19
C PRO B 159 -7.49 13.37 -17.60
N GLY B 160 -7.09 14.52 -17.06
CA GLY B 160 -8.01 15.44 -16.41
C GLY B 160 -7.69 15.69 -14.95
N SER B 179 12.84 4.23 -13.01
CA SER B 179 13.80 5.16 -13.59
C SER B 179 14.84 5.54 -12.54
N LEU B 180 14.62 6.68 -11.90
CA LEU B 180 15.52 7.23 -10.89
C LEU B 180 14.73 7.78 -9.73
N LEU B 181 15.38 7.91 -8.57
CA LEU B 181 14.74 8.48 -7.38
C LEU B 181 14.88 9.99 -7.36
N GLU B 182 13.83 10.68 -6.91
CA GLU B 182 13.91 12.11 -6.74
C GLU B 182 14.82 12.44 -5.56
N GLY B 183 15.69 13.44 -5.74
CA GLY B 183 16.56 13.87 -4.68
C GLY B 183 15.83 14.76 -3.67
N PRO B 184 16.58 15.33 -2.73
CA PRO B 184 16.00 16.15 -1.66
C PRO B 184 15.43 17.48 -2.18
N SER B 185 14.36 17.93 -1.54
CA SER B 185 13.73 19.22 -1.84
CA SER B 185 13.77 19.23 -1.86
C SER B 185 13.79 20.13 -0.63
N TYR B 186 13.75 21.43 -0.89
CA TYR B 186 13.85 22.46 0.15
C TYR B 186 12.91 23.63 -0.10
N THR B 187 12.50 24.31 0.96
CA THR B 187 11.75 25.53 0.79
C THR B 187 12.12 26.50 1.92
N ARG B 188 11.44 27.63 1.99
CA ARG B 188 11.83 28.69 2.93
C ARG B 188 11.65 28.26 4.39
N PRO B 189 12.49 28.79 5.31
CA PRO B 189 13.57 29.77 5.16
C PRO B 189 14.90 29.14 4.70
N PRO B 190 15.83 29.97 4.18
CA PRO B 190 17.08 29.43 3.63
C PRO B 190 18.02 28.87 4.68
N SER B 191 17.83 29.28 5.93
CA SER B 191 18.54 28.72 7.06
C SER B 191 17.51 28.38 8.14
N TRP B 192 17.64 27.18 8.71
CA TRP B 192 16.69 26.72 9.72
C TRP B 192 17.40 25.82 10.71
N ARG B 193 17.35 26.18 11.99
CA ARG B 193 18.05 25.46 13.07
C ARG B 193 19.53 25.28 12.75
N GLY B 194 20.11 26.23 12.03
CA GLY B 194 21.52 26.15 11.67
C GLY B 194 21.81 25.24 10.49
N MET B 195 20.75 24.80 9.80
CA MET B 195 20.92 23.99 8.60
C MET B 195 20.54 24.80 7.36
N ASP B 196 21.47 24.92 6.41
CA ASP B 196 21.26 25.77 5.24
C ASP B 196 20.78 24.99 4.02
N VAL B 197 19.89 25.61 3.25
CA VAL B 197 19.57 25.10 1.93
C VAL B 197 20.84 25.12 1.08
N PRO B 198 21.11 24.04 0.33
CA PRO B 198 22.29 24.01 -0.54
C PRO B 198 22.38 25.27 -1.40
N PRO B 199 23.53 25.98 -1.32
CA PRO B 199 23.74 27.29 -1.95
C PRO B 199 23.38 27.33 -3.44
N VAL B 200 23.69 26.27 -4.17
CA VAL B 200 23.38 26.24 -5.60
C VAL B 200 21.89 26.45 -5.86
N LEU B 201 21.04 26.00 -4.94
CA LEU B 201 19.60 26.13 -5.12
C LEU B 201 19.12 27.57 -4.97
N LEU B 202 19.96 28.40 -4.35
CA LEU B 202 19.65 29.82 -4.15
C LEU B 202 20.27 30.68 -5.24
N SER B 203 21.10 30.06 -6.07
CA SER B 203 21.99 30.78 -6.99
C SER B 203 21.29 31.24 -8.26
N GLY B 204 20.12 30.69 -8.54
CA GLY B 204 19.39 31.04 -9.74
C GLY B 204 20.01 30.57 -11.05
N ASP B 205 21.04 29.73 -10.95
CA ASP B 205 21.70 29.18 -12.14
C ASP B 205 21.05 27.86 -12.56
N HIS B 206 20.11 27.94 -13.50
CA HIS B 206 19.30 26.79 -13.86
C HIS B 206 20.13 25.59 -14.32
N ALA B 207 21.20 25.84 -15.07
CA ALA B 207 22.04 24.74 -15.54
C ALA B 207 22.74 24.05 -14.36
N LYS B 208 23.24 24.84 -13.42
CA LYS B 208 23.94 24.28 -12.28
C LYS B 208 22.98 23.57 -11.33
N ILE B 209 21.78 24.12 -11.20
CA ILE B 209 20.75 23.50 -10.38
C ILE B 209 20.29 22.17 -10.99
N ALA B 210 20.08 22.17 -12.30
CA ALA B 210 19.68 20.96 -12.99
C ALA B 210 20.73 19.85 -12.81
N ALA B 211 22.00 20.24 -12.91
CA ALA B 211 23.11 19.32 -12.75
C ALA B 211 23.21 18.79 -11.33
N TRP B 212 23.05 19.68 -10.34
CA TRP B 212 23.10 19.28 -8.94
C TRP B 212 21.96 18.30 -8.62
N ARG B 213 20.76 18.59 -9.13
CA ARG B 213 19.60 17.75 -8.88
C ARG B 213 19.74 16.38 -9.53
N ALA B 214 20.34 16.35 -10.72
CA ALA B 214 20.58 15.11 -11.43
C ALA B 214 21.52 14.23 -10.61
N GLU B 215 22.57 14.86 -10.09
CA GLU B 215 23.57 14.18 -9.29
C GLU B 215 23.00 13.68 -7.97
N GLN B 216 22.21 14.51 -7.29
CA GLN B 216 21.57 14.07 -6.05
C GLN B 216 20.67 12.87 -6.30
N SER B 217 19.95 12.89 -7.43
CA SER B 217 19.04 11.81 -7.80
C SER B 217 19.79 10.50 -7.99
N ARG B 218 20.86 10.55 -8.76
CA ARG B 218 21.65 9.36 -9.02
C ARG B 218 22.37 8.88 -7.75
N GLN B 219 22.83 9.80 -6.92
CA GLN B 219 23.45 9.45 -5.64
C GLN B 219 22.47 8.77 -4.65
N ARG B 220 21.26 9.31 -4.55
CA ARG B 220 20.24 8.72 -3.68
C ARG B 220 19.82 7.33 -4.21
N THR B 221 19.80 7.20 -5.54
CA THR B 221 19.38 5.95 -6.16
C THR B 221 20.41 4.85 -5.87
N ILE B 222 21.70 5.14 -6.01
CA ILE B 222 22.76 4.18 -5.70
C ILE B 222 22.67 3.71 -4.23
N GLU B 223 22.44 4.65 -3.31
CA GLU B 223 22.36 4.32 -1.91
C GLU B 223 21.10 3.53 -1.53
N ARG B 224 19.94 3.96 -2.03
CA ARG B 224 18.68 3.40 -1.56
C ARG B 224 18.08 2.33 -2.47
N ARG B 225 18.34 2.44 -3.76
CA ARG B 225 17.75 1.52 -4.73
C ARG B 225 18.74 1.10 -5.81
N PRO B 226 19.86 0.47 -5.42
CA PRO B 226 20.89 0.14 -6.42
C PRO B 226 20.35 -0.74 -7.56
N ASP B 227 19.28 -1.49 -7.28
CA ASP B 227 18.66 -2.32 -8.30
C ASP B 227 18.19 -1.52 -9.52
N LEU B 228 17.76 -0.28 -9.29
CA LEU B 228 17.24 0.58 -10.36
C LEU B 228 18.31 0.91 -11.38
N LEU B 229 19.56 0.87 -10.93
CA LEU B 229 20.70 1.16 -11.81
C LEU B 229 21.46 -0.10 -12.23
N GLY B 230 20.87 -1.26 -11.95
CA GLY B 230 21.46 -2.53 -12.34
C GLY B 230 22.55 -3.07 -11.41
N PHE B 231 22.49 -2.70 -10.12
CA PHE B 231 23.46 -3.22 -9.16
C PHE B 231 22.80 -4.15 -8.14
N ASP B 232 23.59 -4.98 -7.50
CA ASP B 232 23.07 -5.89 -6.47
C ASP B 232 22.43 -5.09 -5.33
N SER B 233 21.35 -5.63 -4.76
CA SER B 233 20.64 -4.96 -3.68
C SER B 233 21.27 -5.25 -2.32
#